data_7V14
#
_entry.id   7V14
#
_cell.length_a   59.720
_cell.length_b   60.100
_cell.length_c   66.880
_cell.angle_alpha   90.000
_cell.angle_beta   90.000
_cell.angle_gamma   90.000
#
_symmetry.space_group_name_H-M   'P 21 21 21'
#
loop_
_entity.id
_entity.type
_entity.pdbx_description
1 polymer 'Coagulation factor XIa light chain'
2 non-polymer 'CITRIC ACID'
3 non-polymer 5-[1-[(1~{R})-1-[5-[3-chloranyl-2-fluoranyl-6-(1,2,3,4-tetrazol-1-yl)phenyl]-1-oxidanyl-pyridin-2-yl]-2-cyclopropyl-ethyl]pyrazol-4-yl]-1,3-thiazole
4 water water
#
_entity_poly.entity_id   1
_entity_poly.type   'polypeptide(L)'
_entity_poly.pdbx_seq_one_letter_code
;IVGGTASVRGEWPWQVTLHTTSPTQRHLCGGSIIGNQWILTAAHCFYGVESPKILRVYSGILNQSEIKEDTSFFGVQEII
IHDQYKMAESGYDIALLKLETTVNYTDSQRPISLPSKGDRNVIYTDCWVTGWGYRKLRDKIQNTLQKAKIPLVTNEECQK
RYRGHKITHKMICAGYREGGKDACKGDSGGPLSCKHNEVWHLVGITSWGEGCAQRERPGVYTNVVEYVDWILEKTQAV
;
_entity_poly.pdbx_strand_id   A
#
loop_
_chem_comp.id
_chem_comp.type
_chem_comp.name
_chem_comp.formula
CIT non-polymer 'CITRIC ACID' 'C6 H8 O7'
ORU non-polymer 5-[1-[(1~{R})-1-[5-[3-chloranyl-2-fluoranyl-6-(1,2,3,4-tetrazol-1-yl)phenyl]-1-oxidanyl-pyridin-2-yl]-2-cyclopropyl-ethyl]pyrazol-4-yl]-1,3-thiazole 'C23 H18 Cl F N8 O S'
#
# COMPACT_ATOMS: atom_id res chain seq x y z
N ILE A 1 6.58 9.43 0.66
CA ILE A 1 5.76 10.08 1.68
C ILE A 1 6.15 11.54 1.84
N VAL A 2 5.19 12.46 1.68
CA VAL A 2 5.38 13.88 1.93
C VAL A 2 5.15 14.16 3.41
N GLY A 3 5.99 15.01 3.99
CA GLY A 3 5.79 15.43 5.36
C GLY A 3 5.95 14.35 6.39
N GLY A 4 6.59 13.23 6.04
CA GLY A 4 6.77 12.13 6.95
C GLY A 4 8.13 12.15 7.65
N THR A 5 8.38 11.10 8.42
CA THR A 5 9.63 10.95 9.15
C THR A 5 10.15 9.53 8.99
N ALA A 6 11.42 9.36 9.31
CA ALA A 6 12.07 8.06 9.14
C ALA A 6 11.53 7.04 10.13
N SER A 7 11.32 5.83 9.65
CA SER A 7 11.01 4.70 10.51
C SER A 7 12.30 4.08 11.05
N VAL A 8 12.14 3.18 12.01
CA VAL A 8 13.24 2.39 12.55
C VAL A 8 12.98 0.93 12.24
N ARG A 9 14.00 0.11 12.42
CA ARG A 9 13.88 -1.32 12.10
C ARG A 9 12.81 -1.97 12.95
N GLY A 10 12.01 -2.83 12.31
CA GLY A 10 10.94 -3.55 12.96
C GLY A 10 9.68 -2.76 13.21
N GLU A 11 9.63 -1.49 12.81
CA GLU A 11 8.50 -0.64 13.15
C GLU A 11 7.26 -0.96 12.31
N TRP A 12 7.43 -1.35 11.04
CA TRP A 12 6.31 -1.65 10.15
C TRP A 12 6.56 -3.00 9.49
N PRO A 13 6.51 -4.10 10.26
CA PRO A 13 7.06 -5.37 9.75
C PRO A 13 6.22 -6.03 8.66
N TRP A 14 5.00 -5.55 8.40
CA TRP A 14 4.22 -6.05 7.26
C TRP A 14 4.55 -5.35 5.95
N GLN A 15 5.31 -4.25 5.99
CA GLN A 15 5.64 -3.49 4.80
C GLN A 15 6.72 -4.20 4.01
N VAL A 16 6.49 -4.39 2.71
CA VAL A 16 7.49 -4.95 1.81
C VAL A 16 7.79 -3.94 0.71
N THR A 17 8.95 -4.12 0.08
CA THR A 17 9.29 -3.37 -1.12
C THR A 17 9.30 -4.38 -2.28
N LEU A 18 8.47 -4.12 -3.26
CA LEU A 18 8.37 -4.95 -4.45
C LEU A 18 9.29 -4.35 -5.52
N HIS A 19 10.24 -5.14 -6.01
CA HIS A 19 11.18 -4.69 -7.03
C HIS A 19 10.82 -5.32 -8.36
N THR A 20 10.99 -4.54 -9.42
CA THR A 20 11.07 -5.12 -10.75
C THR A 20 12.53 -5.26 -11.13
N THR A 21 12.81 -6.18 -12.06
CA THR A 21 14.19 -6.35 -12.51
C THR A 21 14.32 -6.18 -14.02
N SER A 22 13.38 -5.48 -14.67
CA SER A 22 13.43 -5.30 -16.10
C SER A 22 13.06 -3.85 -16.41
N PRO A 23 13.91 -3.12 -17.15
CA PRO A 23 15.23 -3.50 -17.68
C PRO A 23 16.35 -3.40 -16.66
N THR A 24 16.05 -2.84 -15.49
CA THR A 24 17.04 -2.81 -14.42
C THR A 24 16.30 -2.94 -13.11
N GLN A 25 17.02 -3.29 -12.04
CA GLN A 25 16.36 -3.50 -10.76
C GLN A 25 16.07 -2.17 -10.08
N ARG A 26 14.85 -2.04 -9.56
CA ARG A 26 14.41 -0.83 -8.88
C ARG A 26 13.16 -1.12 -8.08
N HIS A 27 12.95 -0.31 -7.05
CA HIS A 27 11.69 -0.35 -6.31
C HIS A 27 10.54 0.01 -7.22
N LEU A 28 9.53 -0.85 -7.23
CA LEU A 28 8.32 -0.69 -8.05
C LEU A 28 7.15 -0.16 -7.25
N CYS A 29 6.89 -0.76 -6.10
CA CYS A 29 5.69 -0.46 -5.34
C CYS A 29 5.91 -0.93 -3.92
N GLY A 30 5.05 -0.45 -3.01
CA GLY A 30 4.93 -1.08 -1.72
C GLY A 30 3.95 -2.25 -1.73
N GLY A 31 3.88 -2.94 -0.60
CA GLY A 31 2.95 -4.04 -0.42
C GLY A 31 2.87 -4.38 1.05
N SER A 32 1.90 -5.24 1.39
CA SER A 32 1.68 -5.66 2.78
C SER A 32 1.63 -7.17 2.87
N ILE A 33 2.34 -7.74 3.85
CA ILE A 33 2.21 -9.16 4.17
C ILE A 33 0.86 -9.40 4.83
N ILE A 34 0.03 -10.26 4.24
CA ILE A 34 -1.23 -10.65 4.87
C ILE A 34 -1.33 -12.16 5.11
N GLY A 35 -0.35 -12.94 4.67
CA GLY A 35 -0.28 -14.36 4.98
C GLY A 35 1.12 -14.84 4.68
N ASN A 36 1.41 -16.09 5.05
CA ASN A 36 2.78 -16.55 4.89
C ASN A 36 3.20 -16.64 3.43
N GLN A 37 2.26 -16.72 2.49
CA GLN A 37 2.56 -16.79 1.08
CA GLN A 37 2.62 -16.74 1.08
C GLN A 37 1.89 -15.65 0.29
N TRP A 38 1.39 -14.61 0.96
CA TRP A 38 0.50 -13.65 0.32
C TRP A 38 0.86 -12.21 0.63
N ILE A 39 1.00 -11.42 -0.42
CA ILE A 39 1.22 -9.97 -0.36
C ILE A 39 0.01 -9.29 -0.98
N LEU A 40 -0.50 -8.24 -0.32
CA LEU A 40 -1.57 -7.43 -0.89
C LEU A 40 -0.99 -6.11 -1.35
N THR A 41 -1.29 -5.73 -2.59
CA THR A 41 -0.72 -4.53 -3.18
C THR A 41 -1.73 -3.92 -4.16
N ALA A 42 -1.29 -2.97 -4.98
CA ALA A 42 -2.17 -2.29 -5.93
C ALA A 42 -2.04 -2.87 -7.35
N ALA A 43 -3.16 -3.00 -8.05
CA ALA A 43 -3.13 -3.54 -9.40
C ALA A 43 -2.34 -2.65 -10.36
N HIS A 44 -2.38 -1.33 -10.16
CA HIS A 44 -1.70 -0.40 -11.05
C HIS A 44 -0.20 -0.64 -11.08
N CYS A 45 0.36 -1.24 -10.02
CA CYS A 45 1.79 -1.54 -9.98
C CYS A 45 2.27 -2.37 -11.15
N PHE A 46 1.38 -3.17 -11.75
CA PHE A 46 1.82 -4.13 -12.76
C PHE A 46 1.61 -3.62 -14.18
N TYR A 47 1.31 -2.35 -14.34
CA TYR A 47 1.36 -1.72 -15.66
C TYR A 47 2.71 -1.96 -16.31
N GLY A 48 2.71 -2.66 -17.43
CA GLY A 48 3.96 -2.88 -18.14
C GLY A 48 4.85 -3.96 -17.57
N VAL A 49 4.40 -4.70 -16.57
CA VAL A 49 5.12 -5.86 -16.05
C VAL A 49 4.74 -7.07 -16.91
N GLU A 50 5.74 -7.66 -17.60
CA GLU A 50 5.44 -8.67 -18.60
C GLU A 50 5.03 -10.00 -18.00
N SER A 51 5.50 -10.30 -16.78
CA SER A 51 5.19 -11.56 -16.13
C SER A 51 5.72 -11.53 -14.70
N PRO A 52 5.32 -12.47 -13.85
CA PRO A 52 5.87 -12.51 -12.48
C PRO A 52 7.36 -12.84 -12.43
N LYS A 53 7.94 -13.30 -13.53
CA LYS A 53 9.34 -13.74 -13.54
C LYS A 53 10.29 -12.63 -13.14
N ILE A 54 9.94 -11.37 -13.43
CA ILE A 54 10.85 -10.25 -13.20
C ILE A 54 10.65 -9.59 -11.84
N LEU A 55 9.77 -10.12 -11.00
CA LEU A 55 9.48 -9.49 -9.73
C LEU A 55 10.32 -10.11 -8.62
N ARG A 56 10.64 -9.30 -7.62
CA ARG A 56 11.28 -9.76 -6.40
C ARG A 56 10.58 -9.10 -5.23
N VAL A 57 10.18 -9.88 -4.23
CA VAL A 57 9.60 -9.30 -3.01
C VAL A 57 10.68 -9.32 -1.92
N TYR A 58 10.96 -8.16 -1.35
CA TYR A 58 11.89 -8.04 -0.23
C TYR A 58 11.13 -7.65 1.02
N SER A 59 11.30 -8.42 2.09
CA SER A 59 10.69 -8.11 3.37
C SER A 59 11.78 -7.86 4.40
N GLY A 60 11.38 -7.25 5.52
CA GLY A 60 12.33 -6.95 6.57
C GLY A 60 13.35 -5.89 6.20
N ILE A 61 13.01 -5.00 5.27
CA ILE A 61 13.91 -3.98 4.76
C ILE A 61 13.57 -2.64 5.42
N LEU A 62 14.56 -2.00 6.01
CA LEU A 62 14.40 -0.60 6.40
C LEU A 62 14.95 0.33 5.33
N ASN A 63 16.20 0.14 4.93
CA ASN A 63 16.85 0.97 3.93
C ASN A 63 16.95 0.22 2.61
N GLN A 64 16.61 0.90 1.51
CA GLN A 64 16.79 0.29 0.19
C GLN A 64 18.24 -0.12 -0.04
N SER A 65 19.20 0.61 0.55
CA SER A 65 20.61 0.29 0.37
C SER A 65 21.02 -1.03 1.02
N GLU A 66 20.16 -1.63 1.85
CA GLU A 66 20.44 -2.96 2.38
C GLU A 66 20.38 -4.04 1.30
N ILE A 67 19.73 -3.76 0.17
CA ILE A 67 19.46 -4.78 -0.84
C ILE A 67 20.67 -4.88 -1.76
N LYS A 68 21.38 -6.02 -1.72
CA LYS A 68 22.55 -6.27 -2.53
C LYS A 68 22.35 -7.58 -3.28
N GLU A 69 23.37 -7.98 -4.05
CA GLU A 69 23.19 -9.14 -4.93
C GLU A 69 22.97 -10.43 -4.17
N ASP A 70 23.32 -10.48 -2.88
CA ASP A 70 23.11 -11.66 -2.05
C ASP A 70 21.96 -11.51 -1.07
N THR A 71 21.20 -10.42 -1.12
CA THR A 71 20.08 -10.27 -0.22
C THR A 71 18.97 -11.24 -0.61
N SER A 72 18.44 -11.98 0.36
CA SER A 72 17.37 -12.91 0.05
C SER A 72 16.08 -12.18 -0.28
N PHE A 73 15.31 -12.77 -1.21
CA PHE A 73 14.03 -12.24 -1.64
C PHE A 73 13.12 -13.42 -1.92
N PHE A 74 11.83 -13.12 -2.07
CA PHE A 74 10.85 -14.12 -2.43
C PHE A 74 10.50 -13.96 -3.90
N GLY A 75 10.54 -15.07 -4.64
CA GLY A 75 9.94 -15.08 -5.97
C GLY A 75 8.43 -15.03 -5.91
N VAL A 76 7.84 -14.58 -7.01
CA VAL A 76 6.38 -14.45 -7.13
C VAL A 76 5.90 -15.56 -8.04
N GLN A 77 4.97 -16.37 -7.52
CA GLN A 77 4.39 -17.46 -8.27
C GLN A 77 3.24 -16.98 -9.15
N GLU A 78 2.43 -16.04 -8.65
CA GLU A 78 1.25 -15.60 -9.38
C GLU A 78 0.93 -14.16 -9.00
N ILE A 79 0.53 -13.37 -9.99
CA ILE A 79 -0.07 -12.05 -9.77
C ILE A 79 -1.56 -12.17 -10.00
N ILE A 80 -2.38 -11.82 -9.00
CA ILE A 80 -3.83 -11.93 -9.11
C ILE A 80 -4.39 -10.51 -9.07
N ILE A 81 -4.79 -9.99 -10.21
CA ILE A 81 -5.34 -8.65 -10.31
C ILE A 81 -6.85 -8.76 -10.35
N HIS A 82 -7.53 -7.85 -9.65
CA HIS A 82 -8.98 -7.85 -9.67
C HIS A 82 -9.52 -7.79 -11.12
N ASP A 83 -10.51 -8.64 -11.40
CA ASP A 83 -11.02 -8.81 -12.76
C ASP A 83 -11.62 -7.54 -13.34
N GLN A 84 -12.02 -6.59 -12.50
CA GLN A 84 -12.64 -5.38 -12.99
C GLN A 84 -11.69 -4.20 -13.05
N TYR A 85 -10.44 -4.38 -12.64
CA TYR A 85 -9.47 -3.29 -12.66
C TYR A 85 -9.24 -2.80 -14.09
N LYS A 86 -9.26 -1.47 -14.26
CA LYS A 86 -8.91 -0.83 -15.54
C LYS A 86 -7.90 0.29 -15.34
N MET A 87 -8.14 1.17 -14.37
CA MET A 87 -7.14 2.17 -13.99
C MET A 87 -7.42 2.60 -12.56
N ALA A 88 -6.37 3.10 -11.89
CA ALA A 88 -6.46 3.32 -10.45
C ALA A 88 -7.61 4.25 -10.09
N GLU A 89 -7.82 5.32 -10.88
CA GLU A 89 -8.83 6.29 -10.53
C GLU A 89 -10.25 5.74 -10.63
N SER A 90 -10.45 4.64 -11.35
N SER A 90 -10.44 4.63 -11.34
CA SER A 90 -11.77 4.02 -11.49
CA SER A 90 -11.76 4.02 -11.49
C SER A 90 -11.94 2.80 -10.60
C SER A 90 -12.03 2.93 -10.46
N GLY A 91 -11.08 2.63 -9.60
CA GLY A 91 -11.28 1.65 -8.56
C GLY A 91 -10.77 0.27 -8.91
N TYR A 92 -11.09 -0.67 -8.02
CA TYR A 92 -10.63 -2.06 -8.12
C TYR A 92 -9.11 -2.16 -8.15
N ASP A 93 -8.43 -1.18 -7.56
CA ASP A 93 -6.97 -1.12 -7.59
C ASP A 93 -6.43 -2.02 -6.48
N ILE A 94 -6.45 -3.32 -6.75
CA ILE A 94 -6.06 -4.31 -5.75
C ILE A 94 -5.50 -5.53 -6.46
N ALA A 95 -4.44 -6.10 -5.87
CA ALA A 95 -3.78 -7.27 -6.44
C ALA A 95 -3.20 -8.10 -5.30
N LEU A 96 -3.23 -9.41 -5.47
CA LEU A 96 -2.53 -10.34 -4.59
C LEU A 96 -1.30 -10.90 -5.29
N LEU A 97 -0.21 -10.99 -4.56
CA LEU A 97 0.97 -11.73 -5.01
C LEU A 97 1.04 -13.03 -4.21
N LYS A 98 1.01 -14.17 -4.90
CA LYS A 98 1.28 -15.45 -4.26
C LYS A 98 2.78 -15.71 -4.35
N LEU A 99 3.43 -15.87 -3.21
CA LEU A 99 4.87 -16.12 -3.20
C LEU A 99 5.17 -17.58 -3.52
N GLU A 100 6.42 -17.82 -3.94
CA GLU A 100 6.81 -19.17 -4.30
C GLU A 100 7.03 -20.07 -3.09
N THR A 101 7.25 -19.48 -1.91
CA THR A 101 7.38 -20.24 -0.68
C THR A 101 6.80 -19.41 0.45
N THR A 102 6.82 -19.95 1.66
CA THR A 102 6.16 -19.31 2.80
C THR A 102 7.13 -18.44 3.59
N VAL A 103 6.70 -17.21 3.88
CA VAL A 103 7.39 -16.37 4.86
C VAL A 103 7.35 -17.09 6.20
N ASN A 104 8.52 -17.36 6.78
CA ASN A 104 8.56 -17.62 8.22
C ASN A 104 8.55 -16.27 8.91
N TYR A 105 7.55 -16.03 9.76
CA TYR A 105 7.44 -14.72 10.38
C TYR A 105 8.53 -14.53 11.42
N THR A 106 9.06 -13.31 11.49
CA THR A 106 10.09 -12.93 12.46
C THR A 106 9.75 -11.54 12.95
N ASP A 107 10.58 -11.02 13.86
CA ASP A 107 10.36 -9.68 14.37
C ASP A 107 10.32 -8.65 13.25
N SER A 108 11.03 -8.89 12.15
CA SER A 108 11.08 -7.92 11.06
C SER A 108 10.12 -8.21 9.91
N GLN A 109 9.42 -9.35 9.93
CA GLN A 109 8.48 -9.67 8.86
C GLN A 109 7.28 -10.36 9.47
N ARG A 110 6.16 -9.63 9.53
CA ARG A 110 4.97 -10.03 10.28
C ARG A 110 3.77 -9.70 9.42
N PRO A 111 2.67 -10.44 9.59
CA PRO A 111 1.45 -10.11 8.85
C PRO A 111 0.67 -9.00 9.54
N ILE A 112 -0.12 -8.28 8.74
CA ILE A 112 -1.13 -7.38 9.26
C ILE A 112 -2.51 -7.99 9.02
N SER A 113 -3.40 -7.84 10.00
N SER A 113 -3.40 -7.85 10.01
CA SER A 113 -4.75 -8.38 9.89
CA SER A 113 -4.75 -8.38 9.89
C SER A 113 -5.58 -7.55 8.92
C SER A 113 -5.59 -7.55 8.93
N LEU A 114 -6.53 -8.21 8.24
CA LEU A 114 -7.52 -7.51 7.46
C LEU A 114 -8.53 -6.87 8.41
N PRO A 115 -9.30 -5.87 7.96
CA PRO A 115 -10.39 -5.36 8.80
C PRO A 115 -11.32 -6.49 9.21
N SER A 116 -11.66 -6.51 10.51
CA SER A 116 -12.32 -7.67 11.10
C SER A 116 -13.82 -7.67 10.85
N LYS A 117 -14.37 -8.87 10.72
CA LYS A 117 -15.82 -9.01 10.60
C LYS A 117 -16.49 -8.43 11.84
N GLY A 118 -17.56 -7.67 11.62
CA GLY A 118 -18.22 -6.95 12.69
C GLY A 118 -17.61 -5.60 13.03
N ASP A 119 -16.61 -5.14 12.27
CA ASP A 119 -15.97 -3.85 12.51
C ASP A 119 -16.34 -2.82 11.44
N ARG A 120 -17.41 -3.07 10.69
CA ARG A 120 -17.70 -2.22 9.53
C ARG A 120 -17.95 -0.76 9.92
N ASN A 121 -18.45 -0.52 11.14
CA ASN A 121 -18.79 0.82 11.58
C ASN A 121 -17.74 1.41 12.54
N VAL A 122 -16.53 0.84 12.58
CA VAL A 122 -15.49 1.41 13.42
C VAL A 122 -14.98 2.70 12.79
N ILE A 123 -14.82 3.72 13.61
CA ILE A 123 -14.20 4.98 13.20
C ILE A 123 -12.71 4.87 13.52
N TYR A 124 -11.87 4.76 12.48
CA TYR A 124 -10.43 4.64 12.68
C TYR A 124 -9.82 6.03 12.84
N THR A 125 -9.19 6.29 13.97
CA THR A 125 -8.60 7.58 14.25
C THR A 125 -7.07 7.54 14.35
N ASP A 126 -6.46 6.38 14.13
CA ASP A 126 -5.01 6.23 14.29
C ASP A 126 -4.46 5.52 13.06
N CYS A 127 -4.38 6.25 11.95
CA CYS A 127 -4.03 5.69 10.64
C CYS A 127 -2.74 6.30 10.11
N TRP A 128 -1.91 5.44 9.49
CA TRP A 128 -0.56 5.77 9.06
C TRP A 128 -0.32 5.26 7.66
N VAL A 129 0.32 6.08 6.83
CA VAL A 129 0.77 5.68 5.50
C VAL A 129 2.30 5.60 5.53
N THR A 130 2.85 4.58 4.87
CA THR A 130 4.27 4.29 4.94
C THR A 130 4.80 3.97 3.55
N GLY A 131 6.07 4.31 3.30
CA GLY A 131 6.66 3.93 2.02
C GLY A 131 7.99 4.61 1.76
N TRP A 132 8.59 4.20 0.65
CA TRP A 132 9.87 4.74 0.18
C TRP A 132 9.69 5.78 -0.93
N GLY A 133 8.49 6.31 -1.10
CA GLY A 133 8.21 7.18 -2.23
C GLY A 133 8.78 8.58 -2.08
N TYR A 134 8.49 9.40 -3.10
CA TYR A 134 8.97 10.76 -3.16
C TYR A 134 8.53 11.57 -1.94
N ARG A 135 9.34 12.56 -1.58
CA ARG A 135 8.95 13.51 -0.54
C ARG A 135 8.26 14.75 -1.11
N LYS A 136 8.18 14.84 -2.43
CA LYS A 136 7.55 15.94 -3.17
C LYS A 136 7.44 15.46 -4.60
N LEU A 137 6.71 16.23 -5.42
CA LEU A 137 6.30 15.71 -6.72
C LEU A 137 7.51 15.40 -7.62
N ARG A 138 8.54 16.24 -7.58
CA ARG A 138 9.76 16.02 -8.36
C ARG A 138 10.88 15.68 -7.37
N ASP A 139 11.06 14.38 -7.11
CA ASP A 139 12.01 13.92 -6.11
C ASP A 139 12.68 12.62 -6.56
N LYS A 140 12.80 11.67 -5.64
CA LYS A 140 13.48 10.41 -5.88
C LYS A 140 13.02 9.42 -4.82
N ILE A 141 13.20 8.13 -5.10
CA ILE A 141 12.89 7.11 -4.10
C ILE A 141 13.81 7.30 -2.90
N GLN A 142 13.24 7.18 -1.71
CA GLN A 142 13.96 7.42 -0.46
C GLN A 142 14.64 6.15 0.02
N ASN A 143 15.78 6.32 0.67
CA ASN A 143 16.49 5.16 1.20
C ASN A 143 15.75 4.56 2.40
N THR A 144 15.40 5.39 3.38
CA THR A 144 14.79 4.91 4.61
C THR A 144 13.27 5.00 4.53
N LEU A 145 12.61 3.89 4.84
CA LEU A 145 11.16 3.85 4.90
C LEU A 145 10.61 5.01 5.74
N GLN A 146 9.63 5.72 5.19
CA GLN A 146 9.04 6.90 5.83
C GLN A 146 7.62 6.59 6.31
N LYS A 147 7.18 7.36 7.31
CA LYS A 147 5.86 7.19 7.91
C LYS A 147 5.21 8.56 8.10
N ALA A 148 3.88 8.59 7.99
CA ALA A 148 3.12 9.81 8.29
C ALA A 148 1.74 9.42 8.80
N LYS A 149 1.30 10.09 9.87
CA LYS A 149 -0.05 9.90 10.38
C LYS A 149 -1.00 10.80 9.59
N ILE A 150 -2.09 10.23 9.09
CA ILE A 150 -2.99 10.95 8.20
CA ILE A 150 -2.99 10.96 8.21
C ILE A 150 -4.45 10.68 8.60
N PRO A 151 -5.29 11.70 8.70
CA PRO A 151 -6.68 11.45 9.14
C PRO A 151 -7.55 11.03 7.97
N LEU A 152 -8.45 10.09 8.24
CA LEU A 152 -9.43 9.68 7.24
C LEU A 152 -10.43 10.82 7.01
N VAL A 153 -10.96 10.86 5.80
CA VAL A 153 -11.90 11.88 5.34
C VAL A 153 -13.17 11.15 4.91
N THR A 154 -14.33 11.76 5.15
CA THR A 154 -15.56 11.09 4.71
C THR A 154 -15.60 11.02 3.19
N ASN A 155 -16.32 10.01 2.68
CA ASN A 155 -16.42 9.89 1.22
C ASN A 155 -17.17 11.08 0.62
N GLU A 156 -18.10 11.68 1.38
CA GLU A 156 -18.81 12.87 0.90
C GLU A 156 -17.83 14.01 0.69
N GLU A 157 -16.98 14.29 1.68
CA GLU A 157 -15.98 15.33 1.49
C GLU A 157 -15.03 14.98 0.36
N CYS A 158 -14.61 13.71 0.27
CA CYS A 158 -13.66 13.33 -0.77
C CYS A 158 -14.25 13.56 -2.16
N GLN A 159 -15.52 13.19 -2.36
CA GLN A 159 -16.16 13.41 -3.65
C GLN A 159 -16.21 14.90 -4.01
N LYS A 160 -16.40 15.75 -3.00
CA LYS A 160 -16.42 17.19 -3.24
C LYS A 160 -15.08 17.71 -3.72
N ARG A 161 -13.98 17.04 -3.34
CA ARG A 161 -12.65 17.45 -3.78
C ARG A 161 -12.29 16.90 -5.14
N TYR A 162 -13.01 15.86 -5.60
CA TYR A 162 -12.70 15.15 -6.84
C TYR A 162 -13.97 15.03 -7.68
N ARG A 163 -14.54 16.18 -8.04
CA ARG A 163 -15.79 16.20 -8.78
C ARG A 163 -15.65 15.62 -10.19
N GLY A 164 -14.43 15.45 -10.69
CA GLY A 164 -14.26 14.81 -11.98
C GLY A 164 -14.12 13.30 -11.93
N HIS A 165 -14.15 12.71 -10.74
CA HIS A 165 -14.00 11.27 -10.55
C HIS A 165 -15.21 10.73 -9.81
N LYS A 166 -15.41 9.42 -9.90
CA LYS A 166 -16.47 8.77 -9.13
C LYS A 166 -15.84 8.18 -7.89
N ILE A 167 -16.06 8.80 -6.73
CA ILE A 167 -15.56 8.29 -5.46
C ILE A 167 -16.63 7.35 -4.93
N THR A 168 -16.30 6.06 -4.85
CA THR A 168 -17.25 5.04 -4.47
C THR A 168 -16.99 4.55 -3.05
N HIS A 169 -17.92 3.74 -2.54
CA HIS A 169 -17.73 3.13 -1.24
C HIS A 169 -16.58 2.13 -1.22
N LYS A 170 -16.03 1.76 -2.37
CA LYS A 170 -14.86 0.89 -2.40
C LYS A 170 -13.56 1.68 -2.35
N MET A 171 -13.64 2.99 -2.16
CA MET A 171 -12.48 3.83 -1.90
C MET A 171 -12.59 4.45 -0.51
N ILE A 172 -11.45 4.83 0.03
CA ILE A 172 -11.38 5.60 1.27
C ILE A 172 -10.33 6.70 1.07
N CYS A 173 -10.62 7.90 1.56
CA CYS A 173 -9.73 9.04 1.34
C CYS A 173 -9.11 9.49 2.65
N ALA A 174 -7.93 10.09 2.56
CA ALA A 174 -7.25 10.50 3.78
C ALA A 174 -6.33 11.67 3.46
N GLY A 175 -6.33 12.67 4.32
CA GLY A 175 -5.52 13.86 4.13
C GLY A 175 -5.97 14.99 5.02
N TYR A 176 -5.07 15.96 5.19
CA TYR A 176 -5.37 17.19 5.92
C TYR A 176 -5.93 18.23 4.96
N ARG A 177 -6.86 19.04 5.46
CA ARG A 177 -7.46 20.06 4.60
C ARG A 177 -6.41 21.03 4.07
N GLU A 178 -5.39 21.35 4.88
CA GLU A 178 -4.31 22.24 4.49
C GLU A 178 -3.20 21.53 3.73
N GLY A 179 -3.31 20.21 3.49
CA GLY A 179 -2.25 19.46 2.87
C GLY A 179 -1.04 19.26 3.78
N GLY A 180 0.06 18.82 3.16
CA GLY A 180 1.34 18.76 3.80
C GLY A 180 1.82 17.36 4.16
N LYS A 181 0.91 16.40 4.27
CA LYS A 181 1.26 15.00 4.55
C LYS A 181 0.41 14.13 3.65
N ASP A 182 1.07 13.25 2.89
CA ASP A 182 0.36 12.45 1.89
C ASP A 182 1.33 11.39 1.37
N ALA A 183 0.77 10.39 0.70
CA ALA A 183 1.60 9.52 -0.13
C ALA A 183 2.05 10.29 -1.37
N CYS A 184 3.08 9.78 -2.02
CA CYS A 184 3.52 10.35 -3.29
C CYS A 184 4.10 9.22 -4.13
N LYS A 185 4.76 9.59 -5.24
CA LYS A 185 5.22 8.62 -6.23
C LYS A 185 6.15 7.59 -5.59
N GLY A 186 5.80 6.32 -5.74
CA GLY A 186 6.59 5.24 -5.19
C GLY A 186 5.99 4.64 -3.93
N ASP A 187 4.97 5.28 -3.38
CA ASP A 187 4.27 4.73 -2.21
C ASP A 187 3.10 3.84 -2.58
N SER A 188 2.63 3.88 -3.83
CA SER A 188 1.44 3.11 -4.18
C SER A 188 1.65 1.63 -3.93
N GLY A 189 0.56 0.94 -3.60
CA GLY A 189 0.58 -0.46 -3.25
C GLY A 189 0.85 -0.73 -1.79
N GLY A 190 1.47 0.21 -1.09
CA GLY A 190 1.71 0.05 0.34
C GLY A 190 0.44 0.23 1.17
N PRO A 191 0.60 0.01 2.47
CA PRO A 191 -0.54 0.04 3.39
C PRO A 191 -0.92 1.42 3.90
N LEU A 192 -2.23 1.57 4.12
CA LEU A 192 -2.80 2.54 5.06
C LEU A 192 -3.18 1.69 6.26
N SER A 193 -2.38 1.77 7.33
CA SER A 193 -2.51 0.90 8.49
C SER A 193 -3.13 1.69 9.63
N CYS A 194 -4.18 1.14 10.27
CA CYS A 194 -4.86 1.82 11.36
C CYS A 194 -4.89 0.90 12.57
N LYS A 195 -4.63 1.46 13.73
CA LYS A 195 -4.59 0.71 14.97
C LYS A 195 -5.92 0.89 15.70
N HIS A 196 -6.51 -0.22 16.12
CA HIS A 196 -7.79 -0.20 16.81
C HIS A 196 -7.74 -1.26 17.89
N ASN A 197 -8.04 -0.86 19.13
CA ASN A 197 -7.89 -1.76 20.27
C ASN A 197 -6.50 -2.41 20.28
N GLU A 198 -5.49 -1.62 19.88
CA GLU A 198 -4.08 -1.97 19.93
C GLU A 198 -3.70 -3.05 18.93
N VAL A 199 -4.56 -3.30 17.95
CA VAL A 199 -4.29 -4.24 16.87
C VAL A 199 -4.27 -3.46 15.55
N TRP A 200 -3.27 -3.71 14.71
CA TRP A 200 -3.17 -3.03 13.42
C TRP A 200 -4.03 -3.72 12.37
N HIS A 201 -4.72 -2.92 11.57
CA HIS A 201 -5.56 -3.43 10.49
C HIS A 201 -5.19 -2.76 9.18
N LEU A 202 -5.17 -3.55 8.10
CA LEU A 202 -4.90 -3.03 6.76
C LEU A 202 -6.19 -2.42 6.23
N VAL A 203 -6.35 -1.11 6.44
CA VAL A 203 -7.60 -0.45 6.09
C VAL A 203 -7.61 0.00 4.63
N GLY A 204 -6.46 0.44 4.13
CA GLY A 204 -6.39 0.93 2.76
C GLY A 204 -5.15 0.45 2.04
N ILE A 205 -5.21 0.52 0.71
CA ILE A 205 -4.05 0.35 -0.18
C ILE A 205 -3.81 1.67 -0.90
N THR A 206 -2.60 2.22 -0.76
CA THR A 206 -2.25 3.48 -1.40
C THR A 206 -2.46 3.39 -2.92
N SER A 207 -3.28 4.29 -3.47
CA SER A 207 -3.73 4.14 -4.86
C SER A 207 -3.48 5.35 -5.75
N TRP A 208 -4.09 6.51 -5.47
CA TRP A 208 -3.95 7.65 -6.39
C TRP A 208 -4.28 8.96 -5.68
N GLY A 209 -4.01 10.05 -6.39
CA GLY A 209 -4.36 11.38 -5.88
C GLY A 209 -3.88 12.42 -6.87
N GLU A 210 -4.46 13.61 -6.73
N GLU A 210 -4.46 13.61 -6.75
CA GLU A 210 -4.11 14.75 -7.58
CA GLU A 210 -4.10 14.69 -7.65
C GLU A 210 -2.94 15.47 -6.95
C GLU A 210 -2.96 15.49 -7.01
N GLY A 211 -1.75 15.31 -7.54
CA GLY A 211 -0.57 15.84 -6.91
C GLY A 211 -0.27 15.08 -5.62
N CYS A 212 0.63 15.67 -4.84
CA CYS A 212 1.07 15.09 -3.58
C CYS A 212 0.91 16.11 -2.47
N ALA A 213 0.05 15.80 -1.49
CA ALA A 213 -0.09 16.60 -0.27
C ALA A 213 -0.57 18.02 -0.56
N GLN A 214 -1.34 18.20 -1.63
CA GLN A 214 -1.90 19.50 -1.92
C GLN A 214 -3.08 19.80 -1.00
N ARG A 215 -3.34 21.09 -0.79
CA ARG A 215 -4.47 21.50 0.02
C ARG A 215 -5.77 20.98 -0.60
N GLU A 216 -6.62 20.39 0.24
CA GLU A 216 -7.97 19.97 -0.15
C GLU A 216 -7.96 18.94 -1.28
N ARG A 217 -6.91 18.12 -1.37
CA ARG A 217 -6.82 17.04 -2.35
C ARG A 217 -6.31 15.81 -1.65
N PRO A 218 -7.19 15.07 -0.99
CA PRO A 218 -6.72 13.92 -0.19
C PRO A 218 -6.21 12.79 -1.06
N GLY A 219 -5.34 11.98 -0.48
CA GLY A 219 -4.97 10.73 -1.10
C GLY A 219 -6.14 9.75 -1.11
N VAL A 220 -6.20 8.93 -2.15
CA VAL A 220 -7.29 7.98 -2.32
C VAL A 220 -6.71 6.57 -2.21
N TYR A 221 -7.40 5.71 -1.47
CA TYR A 221 -6.91 4.40 -1.08
C TYR A 221 -7.99 3.37 -1.41
N THR A 222 -7.56 2.19 -1.83
CA THR A 222 -8.51 1.09 -1.97
C THR A 222 -9.04 0.72 -0.59
N ASN A 223 -10.37 0.62 -0.47
CA ASN A 223 -11.05 0.38 0.82
C ASN A 223 -11.03 -1.13 1.05
N VAL A 224 -10.02 -1.62 1.79
CA VAL A 224 -9.77 -3.06 1.88
C VAL A 224 -10.97 -3.84 2.43
N VAL A 225 -11.73 -3.25 3.36
CA VAL A 225 -12.86 -4.01 3.96
C VAL A 225 -13.83 -4.47 2.88
N GLU A 226 -13.97 -3.70 1.80
CA GLU A 226 -14.92 -4.03 0.75
C GLU A 226 -14.41 -5.11 -0.20
N TYR A 227 -13.16 -5.54 -0.03
CA TYR A 227 -12.59 -6.63 -0.83
C TYR A 227 -12.24 -7.86 0.00
N VAL A 228 -12.71 -7.94 1.26
CA VAL A 228 -12.32 -9.08 2.10
C VAL A 228 -12.83 -10.39 1.50
N ASP A 229 -14.08 -10.41 1.00
CA ASP A 229 -14.59 -11.63 0.39
C ASP A 229 -13.76 -12.03 -0.82
N TRP A 230 -13.33 -11.05 -1.61
CA TRP A 230 -12.49 -11.33 -2.77
C TRP A 230 -11.14 -11.90 -2.33
N ILE A 231 -10.54 -11.31 -1.28
CA ILE A 231 -9.25 -11.80 -0.78
C ILE A 231 -9.39 -13.24 -0.27
N LEU A 232 -10.42 -13.50 0.55
CA LEU A 232 -10.60 -14.83 1.10
C LEU A 232 -10.82 -15.86 0.00
N GLU A 233 -11.54 -15.46 -1.05
CA GLU A 233 -11.82 -16.38 -2.14
C GLU A 233 -10.55 -16.71 -2.91
N LYS A 234 -9.68 -15.73 -3.10
CA LYS A 234 -8.45 -15.99 -3.86
C LYS A 234 -7.42 -16.74 -3.03
N THR A 235 -7.37 -16.49 -1.72
CA THR A 235 -6.39 -17.12 -0.86
C THR A 235 -6.87 -18.45 -0.25
N GLN A 236 -8.10 -18.88 -0.50
CA GLN A 236 -8.52 -20.20 0.01
C GLN A 236 -7.83 -21.31 -0.78
C1 CIT B . 4.53 4.42 14.65
O1 CIT B . 5.12 3.31 14.63
O2 CIT B . 5.17 5.48 14.53
C2 CIT B . 3.04 4.51 14.78
C3 CIT B . 2.63 4.62 16.24
O7 CIT B . 3.12 5.88 16.75
C4 CIT B . 1.12 4.56 16.33
C5 CIT B . 0.67 4.81 17.74
O3 CIT B . -0.53 4.69 18.02
O4 CIT B . 1.47 5.14 18.64
C6 CIT B . 3.23 3.47 17.05
O5 CIT B . 2.56 2.45 17.30
O6 CIT B . 4.40 3.55 17.47
C4 ORU C . 0.56 7.80 -6.32
C5 ORU C . 0.21 7.64 -7.66
C6 ORU C . 0.94 6.80 -8.48
C7 ORU C . 2.03 6.11 -7.96
C8 ORU C . 2.87 5.16 -8.73
C10 ORU C . 3.06 3.62 -10.62
C15 ORU C . 6.22 6.13 -9.53
C21 ORU C . 10.06 6.41 -9.40
C24 ORU C . -0.93 8.05 -4.40
C26 ORU C . -1.66 8.82 -3.49
C28 ORU C . -1.65 10.21 -3.54
C11 ORU C . 3.40 2.28 -10.05
C12 ORU C . 2.50 2.36 -11.25
C14 ORU C . 5.35 5.31 -8.85
C16 ORU C . 5.40 7.03 -10.24
C18 ORU C . 7.68 6.07 -9.45
C19 ORU C . 8.43 4.99 -9.05
C23 ORU C . -0.18 8.67 -5.39
C29 ORU C . -0.90 10.84 -4.54
C3 ORU C . 1.66 7.08 -5.86
C30 ORU C . -0.17 10.07 -5.46
C32 ORU C . 0.00 11.64 -7.33
C9 ORU C . 2.12 4.52 -9.88
F25 ORU C . -0.94 6.72 -4.33
N13 ORU C . 4.11 5.75 -9.21
N17 ORU C . 4.10 6.79 -10.04
N2 ORU C . 2.36 6.27 -6.67
N20 ORU C . 9.80 5.18 -9.02
N31 ORU C . 0.52 10.75 -6.45
N33 ORU C . 0.96 12.05 -8.12
N34 ORU C . 2.09 11.38 -7.71
N35 ORU C . 1.83 10.58 -6.68
O1 ORU C . 3.34 5.64 -6.20
S22 ORU C . 8.72 7.39 -9.80
CL27 ORU C . -2.59 8.04 -2.26
#